data_3QXC
#
_entry.id   3QXC
#
_cell.length_a   81.883
_cell.length_b   37.691
_cell.length_c   69.184
_cell.angle_alpha   90.00
_cell.angle_beta   101.24
_cell.angle_gamma   90.00
#
_symmetry.space_group_name_H-M   'C 1 2 1'
#
loop_
_entity.id
_entity.type
_entity.pdbx_description
1 polymer 'Dethiobiotin synthetase'
2 non-polymer "ADENOSINE-5'-TRIPHOSPHATE"
3 non-polymer 'MAGNESIUM ION'
4 non-polymer 'NITRATE ION'
5 non-polymer 1,2-ETHANEDIOL
6 non-polymer GLYCEROL
7 non-polymer DI(HYDROXYETHYL)ETHER
8 water water
#
_entity_poly.entity_id   1
_entity_poly.type   'polypeptide(L)'
_entity_poly.pdbx_seq_one_letter_code
;MGSSHHHHHHSSGRENLYFQGHMLFISATNTNAGKTTCARLLAQYCNACGVKTILLKPIETGVNDAINHSSDAHLFLQDN
RLLDRSLTLKDISFYRYHKVSAPLIAQQEEDPNAPIDTDNLTQRLHNFTKTYDLVIVEGAGGLCVPITLEENMLDFALKL
KAKMLLISHDNLGLINDCLLNDFLLKSHQLDYKIAINLKGNNTAFHSISLPYIELFNTRSNNPIVIFQQSLKVLMSFALK
GS
;
_entity_poly.pdbx_strand_id   A
#
# COMPACT_ATOMS: atom_id res chain seq x y z
N PHE A 19 13.17 -7.84 -16.78
CA PHE A 19 13.61 -7.26 -15.45
C PHE A 19 13.25 -8.28 -14.41
N GLN A 20 13.58 -8.00 -13.16
N GLN A 20 13.65 -8.03 -13.16
CA GLN A 20 13.01 -8.73 -12.06
CA GLN A 20 13.09 -8.71 -11.98
C GLN A 20 11.55 -8.27 -11.84
C GLN A 20 11.64 -8.19 -11.75
N GLY A 21 10.88 -8.87 -10.88
CA GLY A 21 9.46 -8.55 -10.61
C GLY A 21 9.29 -7.05 -10.31
N HIS A 22 8.14 -6.55 -10.65
CA HIS A 22 7.71 -5.20 -10.35
C HIS A 22 7.30 -5.09 -8.89
N MET A 23 7.26 -3.87 -8.40
CA MET A 23 6.88 -3.64 -6.98
C MET A 23 5.90 -2.49 -6.94
N LEU A 24 4.82 -2.72 -6.21
CA LEU A 24 3.75 -1.73 -6.03
C LEU A 24 3.54 -1.52 -4.54
N PHE A 25 3.71 -0.28 -4.11
CA PHE A 25 3.42 0.14 -2.77
C PHE A 25 1.96 0.54 -2.65
N ILE A 26 1.32 0.16 -1.60
CA ILE A 26 -0.08 0.53 -1.35
C ILE A 26 -0.14 1.36 -0.11
N SER A 27 -0.51 2.62 -0.29
N SER A 27 -0.55 2.61 -0.33
N SER A 27 -0.54 2.61 -0.30
CA SER A 27 -0.72 3.60 0.81
CA SER A 27 -0.73 3.63 0.71
CA SER A 27 -0.75 3.60 0.77
C SER A 27 -2.17 4.02 0.75
C SER A 27 -2.21 3.98 0.79
C SER A 27 -2.20 3.99 0.78
N ALA A 28 -2.57 4.96 1.63
CA ALA A 28 -3.96 5.36 1.76
C ALA A 28 -4.11 6.79 2.22
N THR A 29 -5.26 7.32 1.98
CA THR A 29 -5.65 8.61 2.54
C THR A 29 -5.74 8.53 4.07
N ASN A 30 -6.05 7.38 4.67
CA ASN A 30 -6.33 7.25 6.09
C ASN A 30 -6.23 5.84 6.47
N THR A 31 -5.86 5.58 7.72
N THR A 31 -5.92 5.59 7.75
CA THR A 31 -5.98 4.24 8.25
C THR A 31 -7.43 3.81 8.11
C THR A 31 -7.46 3.70 8.05
N ASN A 32 -7.58 2.56 7.73
N ASN A 32 -7.61 2.41 7.74
CA ASN A 32 -8.85 1.89 7.58
CA ASN A 32 -8.92 1.78 7.50
C ASN A 32 -9.53 2.22 6.23
C ASN A 32 -9.56 2.20 6.18
N ALA A 33 -8.86 2.90 5.28
CA ALA A 33 -9.45 3.30 3.98
C ALA A 33 -9.69 2.09 3.10
N GLY A 34 -8.89 1.04 3.25
CA GLY A 34 -9.05 -0.17 2.47
C GLY A 34 -7.78 -0.72 1.78
N LYS A 35 -6.59 -0.40 2.29
CA LYS A 35 -5.37 -0.95 1.73
C LYS A 35 -5.37 -2.47 1.66
N THR A 36 -5.64 -3.12 2.77
CA THR A 36 -5.54 -4.55 2.80
C THR A 36 -6.62 -5.20 1.94
N THR A 37 -7.84 -4.70 1.98
CA THR A 37 -8.93 -5.23 1.14
C THR A 37 -8.54 -5.15 -0.33
N CYS A 38 -8.09 -3.99 -0.74
CA CYS A 38 -7.81 -3.73 -2.14
C CYS A 38 -6.54 -4.45 -2.57
N ALA A 39 -5.53 -4.51 -1.71
CA ALA A 39 -4.33 -5.28 -2.02
C ALA A 39 -4.68 -6.73 -2.27
N ARG A 40 -5.49 -7.31 -1.39
CA ARG A 40 -5.85 -8.74 -1.51
C ARG A 40 -6.63 -8.93 -2.79
N LEU A 41 -7.55 -8.06 -3.14
CA LEU A 41 -8.36 -8.20 -4.38
C LEU A 41 -7.46 -8.06 -5.57
N LEU A 42 -6.49 -7.13 -5.57
CA LEU A 42 -5.61 -6.97 -6.72
C LEU A 42 -4.67 -8.17 -6.88
N ALA A 43 -4.10 -8.66 -5.75
CA ALA A 43 -3.23 -9.82 -5.89
C ALA A 43 -4.04 -11.04 -6.36
N GLN A 44 -5.28 -11.20 -5.91
CA GLN A 44 -6.10 -12.33 -6.35
C GLN A 44 -6.30 -12.25 -7.85
N TYR A 45 -6.62 -11.08 -8.35
CA TYR A 45 -6.84 -10.85 -9.80
C TYR A 45 -5.58 -11.13 -10.55
N CYS A 46 -4.46 -10.57 -10.11
CA CYS A 46 -3.20 -10.77 -10.81
C CYS A 46 -2.87 -12.28 -10.83
N ASN A 47 -2.96 -12.95 -9.70
CA ASN A 47 -2.65 -14.39 -9.68
C ASN A 47 -3.58 -15.16 -10.63
N ALA A 48 -4.82 -14.80 -10.75
CA ALA A 48 -5.77 -15.47 -11.62
C ALA A 48 -5.46 -15.23 -13.06
N CYS A 49 -4.76 -14.19 -13.38
CA CYS A 49 -4.27 -13.82 -14.69
C CYS A 49 -2.86 -14.41 -15.02
N GLY A 50 -2.34 -15.19 -14.09
CA GLY A 50 -1.00 -15.74 -14.28
C GLY A 50 0.16 -14.84 -13.90
N VAL A 51 -0.11 -13.74 -13.24
CA VAL A 51 0.92 -12.83 -12.80
C VAL A 51 1.16 -13.19 -11.32
N LYS A 52 2.27 -13.84 -11.05
CA LYS A 52 2.56 -14.40 -9.75
C LYS A 52 2.87 -13.25 -8.75
N THR A 53 2.03 -13.14 -7.75
CA THR A 53 2.00 -11.92 -6.92
C THR A 53 2.02 -12.28 -5.45
N ILE A 54 2.92 -11.61 -4.71
CA ILE A 54 3.05 -11.79 -3.24
C ILE A 54 2.57 -10.46 -2.57
N LEU A 55 2.02 -10.61 -1.38
CA LEU A 55 1.58 -9.51 -0.53
C LEU A 55 2.50 -9.42 0.69
N LEU A 56 3.04 -8.25 0.97
CA LEU A 56 3.95 -8.02 2.08
C LEU A 56 3.42 -6.86 2.94
N LYS A 57 3.64 -6.96 4.22
CA LYS A 57 3.26 -5.92 5.20
C LYS A 57 4.47 -5.67 6.06
N PRO A 58 5.46 -4.92 5.62
CA PRO A 58 6.77 -4.90 6.28
C PRO A 58 6.73 -4.34 7.68
N ILE A 59 5.84 -3.38 7.91
CA ILE A 59 5.67 -2.69 9.20
C ILE A 59 4.24 -2.74 9.57
N GLU A 60 3.96 -3.21 10.78
CA GLU A 60 2.58 -3.29 11.25
C GLU A 60 2.49 -2.89 12.72
N THR A 61 1.57 -1.99 13.05
CA THR A 61 1.30 -1.58 14.44
C THR A 61 -0.05 -2.13 14.85
N GLY A 62 -0.35 -2.04 16.17
CA GLY A 62 -1.59 -2.53 16.65
C GLY A 62 -1.83 -3.99 16.69
N VAL A 63 -0.75 -4.77 16.80
CA VAL A 63 -0.91 -6.19 16.70
C VAL A 63 -0.46 -6.92 17.99
N ASN A 64 -1.03 -8.08 18.19
CA ASN A 64 -0.58 -8.98 19.30
C ASN A 64 -0.64 -10.39 18.77
N ASP A 65 0.51 -10.83 18.27
CA ASP A 65 0.59 -12.08 17.55
C ASP A 65 0.48 -13.30 18.42
N ALA A 66 0.64 -13.07 19.70
CA ALA A 66 0.57 -14.20 20.69
C ALA A 66 -0.87 -14.63 20.82
N ILE A 67 -1.80 -13.76 20.58
CA ILE A 67 -3.24 -13.99 20.87
C ILE A 67 -4.17 -13.79 19.68
N ASN A 68 -3.69 -13.16 18.59
CA ASN A 68 -4.55 -12.79 17.46
C ASN A 68 -3.83 -13.14 16.10
N HIS A 69 -4.49 -13.91 15.27
CA HIS A 69 -3.96 -14.33 13.98
C HIS A 69 -4.77 -13.72 12.82
N SER A 70 -5.11 -12.46 13.00
N SER A 70 -5.23 -12.49 12.94
CA SER A 70 -6.01 -11.75 12.06
CA SER A 70 -5.96 -11.84 11.80
C SER A 70 -5.43 -10.46 11.53
C SER A 70 -5.45 -10.39 11.59
N SER A 71 -4.17 -10.19 11.87
CA SER A 71 -3.50 -8.96 11.39
C SER A 71 -3.39 -8.96 9.86
N ASP A 72 -2.99 -7.84 9.33
CA ASP A 72 -2.78 -7.75 7.88
C ASP A 72 -1.80 -8.73 7.40
N ALA A 73 -0.70 -8.87 8.15
CA ALA A 73 0.30 -9.87 7.76
C ALA A 73 -0.26 -11.30 7.80
N HIS A 74 -1.13 -11.62 8.76
CA HIS A 74 -1.73 -12.94 8.80
C HIS A 74 -2.65 -13.18 7.60
N LEU A 75 -3.41 -12.17 7.20
CA LEU A 75 -4.30 -12.31 6.07
C LEU A 75 -3.51 -12.48 4.77
N PHE A 76 -2.46 -11.68 4.64
CA PHE A 76 -1.53 -11.79 3.53
C PHE A 76 -0.90 -13.16 3.51
N LEU A 77 -0.46 -13.67 4.64
CA LEU A 77 0.17 -14.99 4.70
C LEU A 77 -0.79 -16.08 4.19
N GLN A 78 -2.02 -16.04 4.59
N GLN A 78 -2.03 -15.99 4.61
CA GLN A 78 -2.97 -17.05 4.15
CA GLN A 78 -3.11 -16.93 4.21
C GLN A 78 -3.02 -17.02 2.61
C GLN A 78 -3.24 -16.99 2.68
N ASP A 79 -3.17 -15.81 2.06
CA ASP A 79 -3.24 -15.74 0.58
C ASP A 79 -1.96 -16.23 -0.08
N ASN A 80 -0.82 -15.78 0.49
CA ASN A 80 0.45 -16.11 -0.02
C ASN A 80 0.78 -17.60 0.01
N ARG A 81 0.25 -18.31 0.98
CA ARG A 81 0.61 -19.73 1.10
C ARG A 81 -0.06 -20.53 -0.03
N LEU A 82 -0.96 -19.95 -0.80
CA LEU A 82 -1.52 -20.58 -1.99
C LEU A 82 -0.45 -20.74 -3.08
N LEU A 83 0.66 -20.00 -2.92
CA LEU A 83 1.78 -20.02 -3.86
C LEU A 83 3.04 -20.65 -3.25
N ASP A 84 3.15 -20.60 -1.94
CA ASP A 84 4.36 -21.08 -1.24
C ASP A 84 4.00 -21.50 0.14
N ARG A 85 3.81 -22.79 0.39
CA ARG A 85 3.46 -23.29 1.72
C ARG A 85 4.46 -23.01 2.78
N SER A 86 5.69 -22.79 2.39
CA SER A 86 6.83 -22.59 3.35
C SER A 86 6.83 -21.22 3.96
N LEU A 87 6.09 -20.25 3.39
CA LEU A 87 6.10 -18.92 4.01
C LEU A 87 5.55 -18.95 5.41
N THR A 88 6.18 -18.10 6.24
CA THR A 88 5.73 -17.84 7.60
C THR A 88 5.62 -16.30 7.80
N LEU A 89 5.04 -15.90 8.91
CA LEU A 89 4.75 -14.52 9.16
C LEU A 89 6.00 -13.71 9.07
N LYS A 90 7.10 -14.17 9.66
CA LYS A 90 8.35 -13.41 9.68
C LYS A 90 9.02 -13.23 8.32
N ASP A 91 8.57 -13.97 7.29
CA ASP A 91 9.03 -13.78 5.96
C ASP A 91 8.42 -12.60 5.24
N ILE A 92 7.29 -12.13 5.75
CA ILE A 92 6.52 -11.08 5.03
C ILE A 92 6.23 -9.86 5.88
N SER A 93 6.60 -9.87 7.16
CA SER A 93 6.39 -8.74 8.03
C SER A 93 7.54 -8.70 9.03
N PHE A 94 8.14 -7.57 9.21
CA PHE A 94 9.46 -7.45 9.84
C PHE A 94 9.55 -6.61 11.10
N TYR A 95 8.77 -5.58 11.19
CA TYR A 95 8.71 -4.70 12.35
C TYR A 95 7.25 -4.66 12.79
N ARG A 96 6.93 -5.20 13.96
CA ARG A 96 5.59 -5.40 14.47
C ARG A 96 5.46 -4.92 15.90
N TYR A 97 4.44 -4.17 16.16
CA TYR A 97 4.29 -3.46 17.42
C TYR A 97 2.90 -3.54 17.93
N HIS A 98 2.78 -3.59 19.29
CA HIS A 98 1.47 -3.57 19.95
C HIS A 98 0.77 -2.20 19.85
N LYS A 99 1.53 -1.14 19.98
CA LYS A 99 0.90 0.22 20.08
C LYS A 99 0.14 0.54 18.82
N VAL A 100 -1.03 1.18 18.97
CA VAL A 100 -1.84 1.63 17.84
C VAL A 100 -1.45 3.10 17.57
N SER A 101 -0.41 3.30 16.78
CA SER A 101 0.28 4.58 16.65
C SER A 101 1.10 4.59 15.31
N ALA A 102 1.75 5.71 15.06
CA ALA A 102 2.78 5.80 14.00
C ALA A 102 3.88 4.80 14.32
N PRO A 103 4.49 4.19 13.31
CA PRO A 103 5.58 3.27 13.59
C PRO A 103 6.77 3.84 14.37
N LEU A 104 7.12 5.07 14.13
CA LEU A 104 8.25 5.63 14.84
C LEU A 104 7.98 5.61 16.34
N ILE A 105 6.83 6.05 16.76
N ILE A 105 6.83 6.11 16.69
CA ILE A 105 6.59 6.10 18.23
CA ILE A 105 6.39 6.18 18.11
C ILE A 105 6.44 4.73 18.82
C ILE A 105 6.43 4.81 18.75
N ALA A 106 5.82 3.81 18.10
CA ALA A 106 5.72 2.44 18.60
C ALA A 106 7.13 1.87 18.75
N GLN A 107 7.99 2.06 17.78
CA GLN A 107 9.39 1.61 17.86
C GLN A 107 10.12 2.25 19.06
N GLN A 108 10.04 3.54 19.22
CA GLN A 108 10.73 4.24 20.33
C GLN A 108 10.27 3.70 21.66
N GLU A 109 9.00 3.39 21.80
CA GLU A 109 8.46 2.93 23.09
C GLU A 109 8.72 1.47 23.33
N GLU A 110 8.55 0.59 22.35
CA GLU A 110 8.58 -0.86 22.55
C GLU A 110 9.95 -1.45 22.25
N ASP A 111 10.70 -0.83 21.38
CA ASP A 111 11.98 -1.42 20.87
C ASP A 111 13.01 -0.37 20.67
N PRO A 112 13.36 0.38 21.74
CA PRO A 112 14.14 1.55 21.67
C PRO A 112 15.52 1.35 21.00
N ASN A 113 16.05 0.15 21.11
CA ASN A 113 17.38 -0.10 20.55
C ASN A 113 17.37 -0.61 19.13
N ALA A 114 16.18 -0.73 18.54
CA ALA A 114 16.09 -1.22 17.13
C ALA A 114 15.28 -0.23 16.25
N PRO A 115 15.84 0.86 15.88
CA PRO A 115 15.11 1.74 14.88
C PRO A 115 14.87 0.96 13.61
N ILE A 116 13.76 1.31 12.96
CA ILE A 116 13.40 0.62 11.72
C ILE A 116 14.47 0.92 10.68
N ASP A 117 14.97 -0.13 10.01
CA ASP A 117 16.05 0.00 9.04
C ASP A 117 15.49 -0.15 7.62
N THR A 118 15.30 0.96 6.95
CA THR A 118 14.65 0.91 5.66
C THR A 118 15.63 0.35 4.58
N ASP A 119 16.95 0.43 4.80
CA ASP A 119 17.91 -0.20 3.88
C ASP A 119 17.71 -1.68 3.95
N ASN A 120 17.61 -2.26 5.13
CA ASN A 120 17.35 -3.62 5.28
C ASN A 120 15.99 -4.03 4.68
N LEU A 121 14.93 -3.28 4.97
CA LEU A 121 13.63 -3.54 4.35
C LEU A 121 13.69 -3.57 2.80
N THR A 122 14.40 -2.63 2.24
CA THR A 122 14.53 -2.48 0.80
C THR A 122 15.16 -3.77 0.25
N GLN A 123 16.21 -4.25 0.89
CA GLN A 123 16.80 -5.52 0.44
C GLN A 123 15.85 -6.69 0.53
N ARG A 124 15.17 -6.80 1.63
CA ARG A 124 14.25 -7.91 1.85
C ARG A 124 13.11 -7.93 0.82
N LEU A 125 12.55 -6.75 0.61
CA LEU A 125 11.46 -6.63 -0.34
C LEU A 125 11.90 -6.85 -1.80
N HIS A 126 13.04 -6.28 -2.15
CA HIS A 126 13.56 -6.52 -3.46
CA HIS A 126 13.65 -6.49 -3.46
C HIS A 126 13.94 -7.98 -3.70
N ASN A 127 14.31 -8.69 -2.68
N ASN A 127 14.31 -8.70 -2.68
CA ASN A 127 14.64 -10.12 -2.89
CA ASN A 127 14.64 -10.14 -2.87
C ASN A 127 13.45 -10.92 -3.43
C ASN A 127 13.44 -10.93 -3.41
N PHE A 128 12.22 -10.53 -3.07
CA PHE A 128 11.01 -11.21 -3.55
C PHE A 128 10.79 -10.95 -5.07
N THR A 129 11.43 -9.94 -5.67
CA THR A 129 11.31 -9.71 -7.11
C THR A 129 12.07 -10.78 -7.88
N LYS A 130 12.86 -11.63 -7.24
CA LYS A 130 13.47 -12.80 -7.94
C LYS A 130 12.40 -13.85 -8.23
N THR A 131 11.46 -14.06 -7.31
CA THR A 131 10.55 -15.21 -7.32
C THR A 131 9.07 -14.90 -7.65
N TYR A 132 8.77 -13.59 -7.78
CA TYR A 132 7.43 -13.14 -8.09
C TYR A 132 7.50 -12.11 -9.25
N ASP A 133 6.38 -12.14 -10.04
CA ASP A 133 6.20 -11.17 -11.09
C ASP A 133 5.83 -9.80 -10.52
N LEU A 134 5.13 -9.79 -9.38
CA LEU A 134 4.69 -8.54 -8.72
C LEU A 134 4.78 -8.75 -7.23
N VAL A 135 5.38 -7.74 -6.58
CA VAL A 135 5.52 -7.65 -5.13
C VAL A 135 4.66 -6.47 -4.67
N ILE A 136 3.60 -6.77 -3.96
CA ILE A 136 2.72 -5.70 -3.40
C ILE A 136 3.11 -5.51 -1.92
N VAL A 137 3.33 -4.25 -1.60
CA VAL A 137 3.84 -3.82 -0.31
C VAL A 137 2.82 -2.87 0.34
N GLU A 138 2.11 -3.31 1.37
CA GLU A 138 1.15 -2.40 2.09
C GLU A 138 1.98 -1.61 3.08
N GLY A 139 1.80 -0.28 3.13
CA GLY A 139 2.37 0.60 4.14
C GLY A 139 1.57 0.61 5.40
N ALA A 140 1.68 1.69 6.17
CA ALA A 140 0.86 1.81 7.37
C ALA A 140 0.68 3.29 7.61
N GLY A 141 -0.51 3.70 8.01
CA GLY A 141 -0.66 5.06 8.57
C GLY A 141 -0.97 6.16 7.56
N GLY A 142 -0.15 6.31 6.51
CA GLY A 142 -0.34 7.34 5.50
C GLY A 142 1.02 7.77 4.96
N LEU A 143 1.00 8.56 3.88
CA LEU A 143 2.23 8.93 3.26
C LEU A 143 3.22 9.67 4.16
N CYS A 144 2.67 10.52 5.05
CA CYS A 144 3.48 11.35 5.89
C CYS A 144 3.73 10.76 7.26
N VAL A 145 3.28 9.52 7.48
CA VAL A 145 3.46 8.94 8.84
C VAL A 145 4.91 8.55 9.02
N PRO A 146 5.51 8.88 10.18
CA PRO A 146 6.94 8.67 10.38
C PRO A 146 7.28 7.22 10.72
N ILE A 147 8.35 6.76 10.08
CA ILE A 147 8.88 5.41 10.38
CA ILE A 147 8.98 5.44 10.24
C ILE A 147 10.20 5.55 11.17
N THR A 148 11.07 6.46 10.79
CA THR A 148 12.30 6.76 11.51
C THR A 148 12.25 8.28 11.74
N LEU A 149 13.32 8.74 12.41
CA LEU A 149 13.48 10.16 12.60
C LEU A 149 13.58 10.99 11.31
N GLU A 150 14.09 10.34 10.28
CA GLU A 150 14.32 11.04 9.04
CA GLU A 150 14.38 10.96 9.01
C GLU A 150 13.39 10.63 7.91
N GLU A 151 12.61 9.54 8.07
CA GLU A 151 11.84 8.99 6.94
CA GLU A 151 11.82 9.00 6.96
C GLU A 151 10.38 8.73 7.31
N ASN A 152 9.52 9.05 6.37
CA ASN A 152 8.12 8.68 6.38
C ASN A 152 7.84 7.59 5.39
N MET A 153 6.58 7.16 5.31
CA MET A 153 6.15 6.11 4.39
C MET A 153 6.49 6.47 2.97
N LEU A 154 6.26 7.68 2.54
CA LEU A 154 6.57 8.08 1.17
C LEU A 154 8.08 7.94 0.92
N ASP A 155 8.92 8.35 1.87
CA ASP A 155 10.32 8.20 1.73
C ASP A 155 10.72 6.75 1.54
N PHE A 156 10.08 5.85 2.25
CA PHE A 156 10.27 4.43 2.13
C PHE A 156 9.90 3.98 0.70
N ALA A 157 8.73 4.34 0.24
CA ALA A 157 8.30 4.00 -1.09
C ALA A 157 9.28 4.50 -2.16
N LEU A 158 9.82 5.69 -1.97
CA LEU A 158 10.78 6.34 -2.91
C LEU A 158 12.10 5.52 -2.89
N LYS A 159 12.54 5.10 -1.71
CA LYS A 159 13.76 4.30 -1.60
C LYS A 159 13.56 2.97 -2.31
N LEU A 160 12.38 2.37 -2.22
CA LEU A 160 12.06 1.10 -2.87
C LEU A 160 12.06 1.22 -4.41
N LYS A 161 11.84 2.40 -4.93
CA LYS A 161 11.66 2.63 -6.37
C LYS A 161 10.40 1.92 -6.87
N ALA A 162 9.42 1.75 -5.97
CA ALA A 162 8.15 1.14 -6.29
C ALA A 162 7.24 2.09 -7.01
N LYS A 163 6.29 1.58 -7.76
CA LYS A 163 5.13 2.40 -8.14
C LYS A 163 4.21 2.48 -6.91
N MET A 164 3.31 3.45 -6.92
CA MET A 164 2.45 3.77 -5.79
CA MET A 164 2.47 3.74 -5.80
C MET A 164 0.99 3.65 -6.15
N LEU A 165 0.19 2.93 -5.37
CA LEU A 165 -1.23 2.94 -5.42
C LEU A 165 -1.73 3.50 -4.08
N LEU A 166 -2.36 4.66 -4.14
CA LEU A 166 -2.97 5.27 -3.00
C LEU A 166 -4.44 5.01 -2.95
N ILE A 167 -4.88 4.34 -1.92
CA ILE A 167 -6.29 4.04 -1.76
C ILE A 167 -6.98 5.15 -0.97
N SER A 168 -8.10 5.64 -1.52
CA SER A 168 -8.91 6.62 -0.81
C SER A 168 -10.17 5.98 -0.30
N HIS A 169 -10.63 6.51 0.84
CA HIS A 169 -11.94 6.27 1.31
C HIS A 169 -12.99 6.85 0.36
N ASP A 170 -14.24 6.48 0.57
CA ASP A 170 -15.33 6.80 -0.32
C ASP A 170 -16.41 7.73 0.31
N ASN A 171 -16.04 8.39 1.39
CA ASN A 171 -16.97 9.28 2.12
C ASN A 171 -16.72 10.72 1.76
N LEU A 172 -17.64 11.60 2.19
CA LEU A 172 -17.48 13.02 2.10
C LEU A 172 -16.12 13.36 2.70
N GLY A 173 -15.39 14.16 1.99
CA GLY A 173 -14.02 14.48 2.34
C GLY A 173 -12.99 13.88 1.44
N LEU A 174 -13.42 12.88 0.63
CA LEU A 174 -12.46 12.22 -0.23
C LEU A 174 -11.86 13.14 -1.22
N ILE A 175 -12.58 14.20 -1.65
CA ILE A 175 -11.97 15.11 -2.61
C ILE A 175 -10.70 15.80 -2.04
N ASN A 176 -10.92 16.38 -0.85
CA ASN A 176 -9.85 17.06 -0.19
C ASN A 176 -8.68 16.12 0.09
N ASP A 177 -9.00 14.91 0.58
CA ASP A 177 -7.96 13.98 0.96
C ASP A 177 -7.18 13.47 -0.30
N CYS A 178 -7.91 13.13 -1.34
CA CYS A 178 -7.24 12.73 -2.57
C CYS A 178 -6.34 13.84 -3.12
N LEU A 179 -6.81 15.07 -3.08
N LEU A 179 -6.77 15.10 -3.13
CA LEU A 179 -6.11 16.18 -3.67
CA LEU A 179 -5.96 16.15 -3.76
C LEU A 179 -4.86 16.58 -2.88
C LEU A 179 -4.79 16.59 -2.87
N LEU A 180 -4.95 16.46 -1.52
CA LEU A 180 -3.77 16.70 -0.66
C LEU A 180 -2.69 15.67 -1.01
N ASN A 181 -3.12 14.37 -1.11
CA ASN A 181 -2.13 13.34 -1.49
C ASN A 181 -1.59 13.52 -2.91
N ASP A 182 -2.46 13.92 -3.83
CA ASP A 182 -2.04 14.20 -5.21
C ASP A 182 -0.94 15.24 -5.19
N PHE A 183 -1.15 16.32 -4.43
CA PHE A 183 -0.15 17.39 -4.43
C PHE A 183 1.20 16.93 -3.94
N LEU A 184 1.17 16.13 -2.86
CA LEU A 184 2.45 15.59 -2.33
C LEU A 184 3.08 14.62 -3.39
N LEU A 185 2.30 13.71 -3.93
CA LEU A 185 2.85 12.72 -4.82
C LEU A 185 3.38 13.36 -6.10
N LYS A 186 2.64 14.29 -6.71
CA LYS A 186 3.11 14.90 -7.96
C LYS A 186 4.37 15.72 -7.73
N SER A 187 4.66 16.08 -6.50
CA SER A 187 5.85 16.84 -6.11
C SER A 187 7.09 15.96 -5.98
N HIS A 188 6.94 14.65 -6.15
CA HIS A 188 8.01 13.70 -6.02
C HIS A 188 8.16 12.87 -7.30
N GLN A 189 9.29 12.21 -7.43
CA GLN A 189 9.61 11.44 -8.62
CA GLN A 189 9.61 11.44 -8.62
C GLN A 189 9.21 9.98 -8.45
N LEU A 190 7.95 9.72 -8.70
CA LEU A 190 7.41 8.39 -8.69
C LEU A 190 6.13 8.29 -9.53
N ASP A 191 5.86 7.11 -10.03
N ASP A 191 5.88 7.12 -10.06
CA ASP A 191 4.68 6.82 -10.76
CA ASP A 191 4.66 6.84 -10.74
C ASP A 191 3.59 6.37 -9.79
C ASP A 191 3.63 6.47 -9.70
N TYR A 192 2.44 7.03 -9.80
CA TYR A 192 1.43 6.78 -8.84
C TYR A 192 0.02 6.80 -9.45
N LYS A 193 -0.92 6.21 -8.73
N LYS A 193 -0.93 6.08 -8.84
CA LYS A 193 -2.30 6.15 -9.08
CA LYS A 193 -2.32 6.22 -9.11
C LYS A 193 -3.16 6.19 -7.79
C LYS A 193 -3.02 6.37 -7.76
N ILE A 194 -4.16 7.09 -7.78
CA ILE A 194 -5.08 7.21 -6.70
C ILE A 194 -6.36 6.48 -7.06
N ALA A 195 -6.83 5.58 -6.22
CA ALA A 195 -8.02 4.78 -6.47
C ALA A 195 -8.92 4.84 -5.30
N ILE A 196 -10.21 5.19 -5.49
CA ILE A 196 -11.21 5.19 -4.47
C ILE A 196 -11.74 3.80 -4.20
N ASN A 197 -11.76 3.40 -2.91
CA ASN A 197 -12.34 2.12 -2.50
C ASN A 197 -13.83 2.32 -2.20
N LEU A 198 -14.63 2.11 -3.22
CA LEU A 198 -16.06 2.35 -3.19
C LEU A 198 -16.79 1.14 -2.65
N LYS A 199 -17.32 1.32 -1.47
CA LYS A 199 -17.91 0.20 -0.71
C LYS A 199 -19.34 0.01 -1.21
N GLY A 200 -19.77 -1.24 -1.00
CA GLY A 200 -21.12 -1.61 -1.17
C GLY A 200 -22.08 -0.79 -0.30
N ASN A 201 -23.16 -0.47 -0.90
CA ASN A 201 -24.24 0.29 -0.26
C ASN A 201 -23.99 1.79 -0.24
N ASN A 202 -22.94 2.31 -0.86
CA ASN A 202 -22.72 3.73 -0.96
C ASN A 202 -23.08 4.25 -2.41
N THR A 203 -24.20 4.88 -2.52
CA THR A 203 -24.57 5.66 -3.68
C THR A 203 -24.57 7.14 -3.39
N ALA A 204 -24.41 7.62 -2.15
CA ALA A 204 -24.09 9.08 -1.91
C ALA A 204 -22.88 9.50 -2.69
N PHE A 205 -21.88 8.63 -2.84
CA PHE A 205 -20.68 8.92 -3.55
C PHE A 205 -20.95 9.49 -4.93
N HIS A 206 -21.86 8.84 -5.65
CA HIS A 206 -22.12 9.15 -7.04
C HIS A 206 -22.77 10.55 -7.20
N SER A 207 -23.60 10.90 -6.25
CA SER A 207 -24.28 12.20 -6.18
C SER A 207 -23.41 13.34 -5.65
N ILE A 208 -22.53 13.07 -4.72
CA ILE A 208 -21.86 14.11 -3.96
C ILE A 208 -20.40 14.32 -4.48
N SER A 209 -19.65 13.25 -4.63
CA SER A 209 -18.24 13.33 -4.92
C SER A 209 -17.85 13.07 -6.35
N LEU A 210 -18.48 12.07 -6.95
CA LEU A 210 -18.17 11.70 -8.33
C LEU A 210 -18.24 12.86 -9.33
N PRO A 211 -19.22 13.81 -9.19
CA PRO A 211 -19.23 14.88 -10.19
C PRO A 211 -17.88 15.62 -10.24
N TYR A 212 -17.25 15.86 -9.09
CA TYR A 212 -15.98 16.54 -9.12
C TYR A 212 -14.86 15.61 -9.65
N ILE A 213 -14.85 14.34 -9.23
CA ILE A 213 -13.85 13.42 -9.74
C ILE A 213 -13.87 13.43 -11.28
N GLU A 214 -15.06 13.42 -11.84
CA GLU A 214 -15.16 13.47 -13.30
CA GLU A 214 -15.29 13.49 -13.28
C GLU A 214 -14.56 14.73 -13.87
N LEU A 215 -14.87 15.88 -13.28
CA LEU A 215 -14.28 17.15 -13.73
C LEU A 215 -12.79 17.16 -13.62
N PHE A 216 -12.30 16.71 -12.44
CA PHE A 216 -10.89 16.68 -12.20
C PHE A 216 -10.19 15.85 -13.28
N ASN A 217 -10.78 14.73 -13.60
CA ASN A 217 -10.17 13.80 -14.55
C ASN A 217 -10.11 14.37 -15.96
N THR A 218 -11.05 15.24 -16.33
CA THR A 218 -10.92 15.93 -17.64
C THR A 218 -9.75 16.93 -17.69
N ARG A 219 -9.33 17.41 -16.54
CA ARG A 219 -8.34 18.41 -16.35
C ARG A 219 -6.99 17.97 -15.92
N SER A 220 -6.85 16.63 -15.66
CA SER A 220 -5.62 16.03 -15.11
C SER A 220 -5.06 15.00 -16.02
N ASN A 221 -3.76 14.95 -16.10
CA ASN A 221 -3.11 13.91 -16.86
C ASN A 221 -3.01 12.59 -16.09
N ASN A 222 -3.31 12.57 -14.81
CA ASN A 222 -3.28 11.37 -13.97
C ASN A 222 -4.61 11.28 -13.21
N PRO A 223 -5.56 10.54 -13.75
CA PRO A 223 -6.93 10.60 -13.23
C PRO A 223 -7.03 9.81 -11.92
N ILE A 224 -8.03 10.19 -11.13
CA ILE A 224 -8.45 9.42 -9.96
C ILE A 224 -9.44 8.37 -10.44
N VAL A 225 -9.20 7.11 -10.13
CA VAL A 225 -10.07 6.03 -10.58
C VAL A 225 -10.84 5.46 -9.38
N ILE A 226 -11.80 4.58 -9.69
CA ILE A 226 -12.49 3.79 -8.70
C ILE A 226 -11.90 2.39 -8.68
N PHE A 227 -11.39 1.96 -7.52
CA PHE A 227 -10.67 0.68 -7.47
C PHE A 227 -11.47 -0.46 -8.08
N GLN A 228 -12.77 -0.56 -7.71
CA GLN A 228 -13.58 -1.69 -8.11
C GLN A 228 -13.74 -1.72 -9.63
N GLN A 229 -13.63 -0.62 -10.33
CA GLN A 229 -13.72 -0.53 -11.79
C GLN A 229 -12.41 -0.83 -12.49
N SER A 230 -11.32 -0.96 -11.72
CA SER A 230 -9.99 -0.72 -12.24
C SER A 230 -9.04 -1.89 -12.02
N LEU A 231 -9.47 -3.09 -11.79
CA LEU A 231 -8.48 -4.17 -11.59
CA LEU A 231 -8.51 -4.19 -11.57
C LEU A 231 -7.55 -4.38 -12.76
N LYS A 232 -8.10 -4.36 -13.96
CA LYS A 232 -7.25 -4.55 -15.14
C LYS A 232 -6.30 -3.39 -15.38
N VAL A 233 -6.83 -2.16 -15.28
CA VAL A 233 -6.02 -0.99 -15.40
C VAL A 233 -4.90 -0.96 -14.35
N LEU A 234 -5.19 -1.36 -13.11
CA LEU A 234 -4.20 -1.28 -12.04
C LEU A 234 -3.17 -2.40 -12.20
N MET A 235 -3.55 -3.56 -12.70
CA MET A 235 -2.55 -4.57 -13.04
C MET A 235 -1.62 -4.08 -14.13
N SER A 236 -2.19 -3.48 -15.15
CA SER A 236 -1.40 -2.89 -16.26
C SER A 236 -0.43 -1.85 -15.70
N PHE A 237 -0.94 -0.95 -14.87
CA PHE A 237 -0.13 0.08 -14.23
C PHE A 237 1.04 -0.52 -13.47
N ALA A 238 0.75 -1.52 -12.67
CA ALA A 238 1.80 -2.11 -11.78
C ALA A 238 2.89 -2.76 -12.62
N LEU A 239 2.52 -3.35 -13.75
CA LEU A 239 3.48 -4.13 -14.54
C LEU A 239 4.13 -3.37 -15.67
N LYS A 240 3.73 -2.15 -15.92
CA LYS A 240 4.20 -1.53 -17.13
C LYS A 240 5.66 -1.15 -17.05
N GLY A 241 6.38 -1.28 -18.17
CA GLY A 241 7.77 -0.69 -18.29
C GLY A 241 8.78 -1.48 -17.51
N SER A 242 9.89 -0.80 -17.24
CA SER A 242 10.95 -1.31 -16.32
C SER A 242 10.50 -1.25 -14.82
#